data_6TEG
#
_entry.id   6TEG
#
_cell.length_a   87.863
_cell.length_b   87.863
_cell.length_c   96.253
_cell.angle_alpha   90.000
_cell.angle_beta   90.000
_cell.angle_gamma   120.000
#
_symmetry.space_group_name_H-M   'P 31 2 1'
#
loop_
_entity.id
_entity.type
_entity.pdbx_description
1 polymer 'Pyrimidine monooxygenase RutA'
2 non-polymer 'FLAVIN MONONUCLEOTIDE'
3 non-polymer URACIL
4 non-polymer 'SULFATE ION'
5 non-polymer 'OXYGEN MOLECULE'
6 water water
#
_entity_poly.entity_id   1
_entity_poly.type   'polypeptide(L)'
_entity_poly.pdbx_seq_one_letter_code
;MMKIGVFVPIGNNGWLISTHAPQYMPTFELNKAIVQKAEHYHFDFALSMIKLRGFGGKTEFWDHNLESFTLMAGLAAVTS
RIQIYATAATLTLPPAIVARMAATIDSISGGRFGVNLVTGWQKPEYEQMGIWPGDDYFSRRYDYLTEYVQVLRDLWGTGK
SDFKGDFFTMNDCRVSPQPSVPMKVICAGQSDAGMAFSARYADFNFCFGKGVNTPTAFAPTAARMKQAAEQTGRDVGSYV
LFMVIADETDDAARAKWEHYKAGADEEALSWLTEQSQKDTRSGTDTNVRQMADPTSAVNINMGTLVGSYASVARMLDEVA
SVPGAEGVLLTFDDFLSGIETFGERIQPLMQCRAHLPALTQEVA
;
_entity_poly.pdbx_strand_id   AAA
#
# COMPACT_ATOMS: atom_id res chain seq x y z
N MET A 1 -0.48 18.56 -9.39
CA MET A 1 -0.65 17.24 -10.05
C MET A 1 -0.29 16.13 -9.05
N MET A 2 -1.00 15.00 -9.12
CA MET A 2 -0.87 14.00 -8.05
C MET A 2 -1.04 12.64 -8.71
N LYS A 3 -0.31 11.65 -8.20
CA LYS A 3 -0.41 10.27 -8.72
C LYS A 3 -1.55 9.59 -7.94
N ILE A 4 -2.14 8.59 -8.58
CA ILE A 4 -3.27 7.82 -7.98
C ILE A 4 -2.92 6.33 -8.08
N GLY A 5 -3.01 5.62 -6.97
CA GLY A 5 -2.80 4.17 -6.99
C GLY A 5 -4.00 3.46 -6.40
N VAL A 6 -4.13 2.18 -6.73
CA VAL A 6 -5.20 1.30 -6.16
C VAL A 6 -4.52 0.33 -5.21
N PHE A 7 -5.07 0.20 -4.02
CA PHE A 7 -4.65 -0.81 -3.04
C PHE A 7 -5.51 -2.03 -3.30
N VAL A 8 -4.95 -3.07 -3.93
CA VAL A 8 -5.79 -4.17 -4.48
C VAL A 8 -6.20 -5.11 -3.36
N PRO A 9 -7.47 -5.61 -3.38
CA PRO A 9 -7.94 -6.49 -2.30
C PRO A 9 -7.39 -7.92 -2.43
N ILE A 10 -6.20 -8.06 -1.91
CA ILE A 10 -5.49 -9.35 -1.73
C ILE A 10 -6.11 -10.11 -0.54
N GLY A 11 -6.91 -9.44 0.30
CA GLY A 11 -7.60 -10.09 1.41
C GLY A 11 -9.12 -9.99 1.23
N ASN A 12 -9.87 -10.98 1.72
CA ASN A 12 -11.35 -11.00 1.60
C ASN A 12 -12.00 -9.73 2.18
N ASN A 13 -12.99 -9.21 1.46
CA ASN A 13 -13.83 -8.05 1.85
C ASN A 13 -13.04 -6.75 1.86
N GLY A 14 -11.85 -6.71 1.26
CA GLY A 14 -11.13 -5.43 1.14
C GLY A 14 -10.83 -4.81 2.48
N TRP A 15 -11.30 -3.60 2.70
CA TRP A 15 -11.00 -2.86 3.94
C TRP A 15 -12.26 -2.51 4.72
N LEU A 16 -13.33 -3.30 4.56
CA LEU A 16 -14.56 -3.09 5.39
C LEU A 16 -14.84 -4.32 6.24
N ILE A 17 -15.02 -4.09 7.52
CA ILE A 17 -15.21 -5.16 8.53
C ILE A 17 -16.69 -5.10 8.93
N SER A 18 -17.60 -5.56 8.07
CA SER A 18 -19.05 -5.29 8.22
C SER A 18 -19.86 -6.33 7.47
N THR A 19 -20.98 -6.82 8.04
CA THR A 19 -21.89 -7.74 7.34
C THR A 19 -22.69 -6.99 6.28
N HIS A 20 -22.72 -5.65 6.30
CA HIS A 20 -23.43 -4.87 5.28
C HIS A 20 -22.52 -4.43 4.13
N ALA A 21 -21.23 -4.70 4.22
CA ALA A 21 -20.27 -4.37 3.16
C ALA A 21 -20.29 -5.48 2.13
N PRO A 22 -19.84 -5.23 0.89
CA PRO A 22 -19.76 -6.30 -0.08
C PRO A 22 -18.92 -7.46 0.47
N GLN A 23 -19.36 -8.70 0.18
CA GLN A 23 -18.67 -9.94 0.68
C GLN A 23 -18.03 -10.62 -0.54
N TYR A 24 -16.71 -10.78 -0.52
CA TYR A 24 -16.02 -11.36 -1.67
C TYR A 24 -14.67 -11.92 -1.22
N MET A 25 -14.24 -12.97 -1.92
CA MET A 25 -12.94 -13.62 -1.70
C MET A 25 -11.94 -12.91 -2.60
N PRO A 26 -10.64 -12.90 -2.23
CA PRO A 26 -9.63 -12.31 -3.09
C PRO A 26 -9.32 -13.44 -4.07
N THR A 27 -9.66 -13.25 -5.31
CA THR A 27 -9.21 -14.16 -6.38
C THR A 27 -8.20 -13.42 -7.23
N PHE A 28 -7.45 -14.18 -8.02
CA PHE A 28 -6.73 -13.57 -9.16
C PHE A 28 -7.65 -12.84 -10.12
N GLU A 29 -8.75 -13.47 -10.56
CA GLU A 29 -9.55 -12.88 -11.63
C GLU A 29 -10.16 -11.58 -11.13
N LEU A 30 -10.49 -11.48 -9.83
CA LEU A 30 -11.11 -10.22 -9.33
C LEU A 30 -10.04 -9.12 -9.38
N ASN A 31 -8.85 -9.41 -8.90
CA ASN A 31 -7.71 -8.44 -8.88
C ASN A 31 -7.30 -8.10 -10.29
N LYS A 32 -7.37 -9.03 -11.24
CA LYS A 32 -7.10 -8.75 -12.66
C LYS A 32 -8.13 -7.75 -13.20
N ALA A 33 -9.43 -7.98 -12.97
CA ALA A 33 -10.49 -7.07 -13.42
C ALA A 33 -10.25 -5.67 -12.80
N ILE A 34 -9.84 -5.60 -11.53
CA ILE A 34 -9.64 -4.32 -10.79
C ILE A 34 -8.45 -3.56 -11.41
N VAL A 35 -7.32 -4.25 -11.56
CA VAL A 35 -6.11 -3.59 -12.11
C VAL A 35 -6.27 -3.25 -13.59
N GLN A 36 -6.95 -4.04 -14.40
CA GLN A 36 -7.13 -3.66 -15.82
C GLN A 36 -8.04 -2.45 -15.90
N LYS A 37 -9.06 -2.38 -15.05
CA LYS A 37 -9.97 -1.18 -15.06
C LYS A 37 -9.19 0.03 -14.54
N ALA A 38 -8.42 -0.12 -13.48
CA ALA A 38 -7.57 0.99 -12.98
C ALA A 38 -6.63 1.49 -14.10
N GLU A 39 -5.97 0.57 -14.80
CA GLU A 39 -5.05 0.94 -15.89
C GLU A 39 -5.83 1.69 -16.99
N HIS A 40 -7.05 1.26 -17.32
CA HIS A 40 -7.92 1.89 -18.34
C HIS A 40 -8.19 3.36 -17.99
N TYR A 41 -8.34 3.66 -16.72
CA TYR A 41 -8.58 5.02 -16.15
C TYR A 41 -7.28 5.73 -15.73
N HIS A 42 -6.15 5.29 -16.25
CA HIS A 42 -4.84 5.96 -16.08
C HIS A 42 -4.44 6.05 -14.62
N PHE A 43 -4.82 5.07 -13.79
CA PHE A 43 -4.20 4.98 -12.45
C PHE A 43 -2.69 4.80 -12.67
N ASP A 44 -1.91 5.39 -11.78
CA ASP A 44 -0.44 5.35 -11.94
C ASP A 44 0.12 4.04 -11.43
N PHE A 45 -0.46 3.48 -10.38
CA PHE A 45 0.15 2.26 -9.78
C PHE A 45 -0.91 1.40 -9.08
N ALA A 46 -0.52 0.15 -8.82
CA ALA A 46 -1.31 -0.82 -8.03
C ALA A 46 -0.35 -1.44 -7.02
N LEU A 47 -0.78 -1.51 -5.78
CA LEU A 47 0.01 -2.13 -4.69
C LEU A 47 -0.83 -3.20 -4.01
N SER A 48 -0.22 -4.34 -3.66
CA SER A 48 -0.81 -5.28 -2.70
C SER A 48 0.02 -5.31 -1.44
N MET A 49 -0.70 -5.35 -0.33
CA MET A 49 -0.15 -5.68 1.00
C MET A 49 0.16 -7.17 1.11
N ILE A 50 0.73 -7.53 2.23
CA ILE A 50 0.87 -8.96 2.64
C ILE A 50 0.27 -9.10 4.05
N LYS A 51 -0.60 -10.08 4.23
CA LYS A 51 -1.29 -10.25 5.55
C LYS A 51 -1.37 -11.74 5.87
N LEU A 52 -0.58 -12.17 6.83
CA LEU A 52 -0.33 -13.62 7.01
C LEU A 52 -1.26 -14.22 8.08
N ARG A 53 -2.12 -13.41 8.67
CA ARG A 53 -3.12 -13.96 9.62
C ARG A 53 -4.31 -13.02 9.66
N GLY A 54 -5.52 -13.54 9.80
CA GLY A 54 -6.71 -12.66 9.79
C GLY A 54 -7.26 -12.40 11.18
N PHE A 55 -8.46 -11.82 11.20
CA PHE A 55 -9.17 -11.34 12.41
C PHE A 55 -10.45 -12.11 12.71
N GLY A 56 -10.85 -13.10 11.91
CA GLY A 56 -12.04 -13.95 12.15
C GLY A 56 -13.34 -13.15 12.20
N GLY A 57 -14.22 -13.52 13.14
CA GLY A 57 -15.60 -12.97 13.21
C GLY A 57 -16.54 -13.54 12.16
N LYS A 58 -17.73 -12.95 12.09
CA LYS A 58 -18.80 -13.30 11.15
C LYS A 58 -18.28 -13.23 9.71
N THR A 59 -17.43 -12.26 9.37
CA THR A 59 -16.95 -12.06 7.97
C THR A 59 -15.59 -12.73 7.74
N GLU A 60 -15.05 -13.43 8.75
CA GLU A 60 -13.76 -14.14 8.55
C GLU A 60 -12.75 -13.13 7.99
N PHE A 61 -12.69 -11.97 8.62
CA PHE A 61 -12.05 -10.78 7.97
C PHE A 61 -10.52 -10.98 7.84
N TRP A 62 -10.03 -11.01 6.60
CA TRP A 62 -8.58 -11.24 6.26
C TRP A 62 -8.12 -12.63 6.70
N ASP A 63 -9.06 -13.55 6.98
CA ASP A 63 -8.68 -14.98 7.09
C ASP A 63 -8.19 -15.54 5.73
N HIS A 64 -8.63 -14.95 4.62
CA HIS A 64 -8.38 -15.43 3.24
C HIS A 64 -7.53 -14.34 2.55
N ASN A 65 -6.26 -14.66 2.32
CA ASN A 65 -5.30 -13.67 1.76
C ASN A 65 -4.40 -14.41 0.75
N LEU A 66 -4.23 -13.84 -0.42
CA LEU A 66 -3.22 -14.34 -1.39
C LEU A 66 -1.81 -13.86 -0.99
N GLU A 67 -0.76 -14.34 -1.67
CA GLU A 67 0.63 -13.91 -1.42
C GLU A 67 1.00 -12.83 -2.46
N SER A 68 1.71 -11.78 -2.03
CA SER A 68 1.84 -10.50 -2.77
C SER A 68 2.71 -10.63 -4.05
N PHE A 69 3.91 -11.22 -3.96
CA PHE A 69 4.81 -11.34 -5.14
C PHE A 69 4.17 -12.16 -6.25
N THR A 70 3.56 -13.29 -5.91
CA THR A 70 2.93 -14.14 -6.93
C THR A 70 1.71 -13.46 -7.54
N LEU A 71 0.83 -12.84 -6.73
CA LEU A 71 -0.29 -12.07 -7.24
C LEU A 71 0.24 -11.02 -8.26
N MET A 72 1.21 -10.22 -7.85
CA MET A 72 1.66 -9.07 -8.69
C MET A 72 2.39 -9.61 -9.93
N ALA A 73 3.04 -10.79 -9.89
CA ALA A 73 3.66 -11.40 -11.09
C ALA A 73 2.54 -11.72 -12.09
N GLY A 74 1.40 -12.26 -11.62
CA GLY A 74 0.25 -12.56 -12.48
C GLY A 74 -0.36 -11.27 -13.05
N LEU A 75 -0.51 -10.24 -12.23
CA LEU A 75 -1.08 -8.95 -12.68
C LEU A 75 -0.13 -8.29 -13.71
N ALA A 76 1.19 -8.36 -13.49
CA ALA A 76 2.21 -7.81 -14.45
C ALA A 76 2.02 -8.41 -15.85
N ALA A 77 1.69 -9.71 -15.93
CA ALA A 77 1.55 -10.47 -17.19
C ALA A 77 0.30 -10.05 -17.96
N VAL A 78 -0.68 -9.40 -17.31
CA VAL A 78 -1.96 -9.04 -17.96
C VAL A 78 -2.18 -7.52 -17.94
N THR A 79 -1.09 -6.75 -17.77
CA THR A 79 -1.13 -5.28 -17.87
C THR A 79 0.01 -4.83 -18.79
N SER A 80 0.08 -3.52 -19.06
CA SER A 80 1.13 -2.97 -19.96
C SER A 80 1.66 -1.58 -19.58
N ARG A 81 0.99 -0.82 -18.72
CA ARG A 81 1.41 0.56 -18.38
C ARG A 81 1.48 0.81 -16.89
N ILE A 82 0.53 0.29 -16.08
CA ILE A 82 0.43 0.62 -14.64
C ILE A 82 1.66 0.09 -13.91
N GLN A 83 2.20 0.88 -12.97
CA GLN A 83 3.30 0.41 -12.09
C GLN A 83 2.74 -0.62 -11.10
N ILE A 84 3.53 -1.65 -10.84
CA ILE A 84 3.13 -2.82 -10.04
C ILE A 84 4.06 -2.89 -8.83
N TYR A 85 3.51 -2.83 -7.62
CA TYR A 85 4.26 -2.97 -6.36
C TYR A 85 3.76 -4.19 -5.57
N ALA A 86 4.71 -5.01 -5.11
CA ALA A 86 4.46 -6.13 -4.18
C ALA A 86 5.07 -5.78 -2.84
N THR A 87 4.54 -6.34 -1.76
CA THR A 87 5.06 -6.15 -0.40
C THR A 87 5.85 -7.38 0.05
N ALA A 88 7.06 -7.13 0.56
CA ALA A 88 7.91 -8.13 1.23
C ALA A 88 7.82 -7.95 2.74
N ALA A 89 7.30 -8.96 3.43
CA ALA A 89 7.36 -9.09 4.92
C ALA A 89 8.76 -9.62 5.18
N THR A 90 9.71 -8.74 5.46
CA THR A 90 11.16 -9.06 5.38
C THR A 90 11.58 -10.15 6.37
N LEU A 91 10.78 -10.50 7.38
CA LEU A 91 11.10 -11.67 8.23
C LEU A 91 10.90 -13.00 7.47
N THR A 92 10.16 -13.00 6.37
CA THR A 92 9.70 -14.27 5.74
C THR A 92 10.52 -14.62 4.49
N LEU A 93 11.26 -13.70 3.88
CA LEU A 93 11.97 -13.99 2.62
C LEU A 93 13.39 -13.50 2.75
N PRO A 94 14.40 -14.34 2.41
CA PRO A 94 15.78 -13.88 2.35
C PRO A 94 15.91 -12.80 1.30
N PRO A 95 16.79 -11.79 1.55
CA PRO A 95 16.90 -10.66 0.63
C PRO A 95 17.32 -11.08 -0.78
N ALA A 96 18.14 -12.12 -0.91
CA ALA A 96 18.58 -12.55 -2.25
C ALA A 96 17.40 -13.13 -3.04
N ILE A 97 16.44 -13.72 -2.36
CA ILE A 97 15.22 -14.25 -3.04
C ILE A 97 14.37 -13.07 -3.49
N VAL A 98 14.13 -12.09 -2.63
CA VAL A 98 13.35 -10.89 -3.04
C VAL A 98 14.06 -10.22 -4.21
N ALA A 99 15.40 -10.12 -4.16
CA ALA A 99 16.16 -9.51 -5.26
C ALA A 99 15.83 -10.19 -6.60
N ARG A 100 15.82 -11.51 -6.62
CA ARG A 100 15.60 -12.29 -7.86
C ARG A 100 14.12 -12.26 -8.25
N MET A 101 13.21 -12.32 -7.27
CA MET A 101 11.77 -12.14 -7.59
C MET A 101 11.51 -10.77 -8.24
N ALA A 102 12.11 -9.70 -7.72
CA ALA A 102 11.96 -8.36 -8.32
C ALA A 102 12.53 -8.30 -9.75
N ALA A 103 13.68 -8.89 -10.02
CA ALA A 103 14.25 -8.98 -11.39
C ALA A 103 13.29 -9.75 -12.30
N THR A 104 12.64 -10.78 -11.74
CA THR A 104 11.71 -11.60 -12.51
C THR A 104 10.49 -10.76 -12.89
N ILE A 105 9.86 -10.05 -11.96
CA ILE A 105 8.65 -9.27 -12.26
C ILE A 105 9.04 -8.04 -13.12
N ASP A 106 10.25 -7.50 -12.97
CA ASP A 106 10.82 -6.52 -13.92
C ASP A 106 10.73 -7.09 -15.35
N SER A 107 11.15 -8.35 -15.55
CA SER A 107 11.09 -9.05 -16.86
C SER A 107 9.63 -9.22 -17.30
N ILE A 108 8.74 -9.65 -16.41
CA ILE A 108 7.33 -9.86 -16.81
C ILE A 108 6.70 -8.52 -17.25
N SER A 109 6.95 -7.48 -16.48
CA SER A 109 6.27 -6.17 -16.65
C SER A 109 6.97 -5.22 -17.62
N GLY A 110 8.17 -5.55 -18.10
CA GLY A 110 8.96 -4.58 -18.88
C GLY A 110 9.28 -3.31 -18.11
N GLY A 111 9.77 -3.47 -16.90
CA GLY A 111 10.33 -2.38 -16.05
C GLY A 111 9.31 -1.57 -15.30
N ARG A 112 8.21 -2.18 -14.87
CA ARG A 112 7.12 -1.47 -14.14
C ARG A 112 7.02 -1.93 -12.69
N PHE A 113 8.02 -2.64 -12.18
CA PHE A 113 7.91 -3.24 -10.84
C PHE A 113 8.70 -2.50 -9.77
N GLY A 114 8.15 -2.49 -8.56
CA GLY A 114 8.80 -2.08 -7.32
C GLY A 114 8.37 -2.90 -6.12
N VAL A 115 9.04 -2.67 -5.02
CA VAL A 115 8.89 -3.42 -3.75
C VAL A 115 8.59 -2.47 -2.61
N ASN A 116 7.56 -2.81 -1.87
CA ASN A 116 7.20 -2.18 -0.57
C ASN A 116 7.83 -3.02 0.53
N LEU A 117 8.80 -2.48 1.27
CA LEU A 117 9.55 -3.25 2.29
C LEU A 117 8.91 -2.93 3.63
N VAL A 118 8.46 -3.94 4.34
CA VAL A 118 7.88 -3.73 5.69
C VAL A 118 8.65 -4.59 6.71
N THR A 119 8.69 -4.10 7.94
CA THR A 119 9.34 -4.86 9.03
C THR A 119 8.42 -5.96 9.51
N GLY A 120 7.11 -5.73 9.45
CA GLY A 120 6.12 -6.50 10.20
C GLY A 120 5.99 -5.88 11.58
N TRP A 121 4.78 -5.90 12.14
CA TRP A 121 4.49 -5.29 13.46
C TRP A 121 3.73 -6.32 14.30
N GLN A 122 2.80 -7.06 13.69
CA GLN A 122 1.82 -7.95 14.36
C GLN A 122 2.54 -9.28 14.67
N LYS A 123 3.00 -9.42 15.91
CA LYS A 123 3.73 -10.61 16.40
C LYS A 123 3.03 -11.90 15.96
N PRO A 124 1.71 -12.08 16.09
CA PRO A 124 1.10 -13.38 15.77
C PRO A 124 1.32 -13.87 14.33
N GLU A 125 1.39 -12.95 13.36
CA GLU A 125 1.63 -13.30 11.92
C GLU A 125 2.92 -14.14 11.79
N TYR A 126 3.89 -13.90 12.69
CA TYR A 126 5.26 -14.46 12.66
C TYR A 126 5.39 -15.59 13.70
N GLU A 127 4.86 -15.34 14.90
CA GLU A 127 4.87 -16.32 16.03
C GLU A 127 4.19 -17.61 15.56
N GLN A 128 3.14 -17.47 14.76
CA GLN A 128 2.34 -18.64 14.29
C GLN A 128 3.23 -19.63 13.52
N MET A 129 4.30 -19.20 12.84
CA MET A 129 5.20 -20.08 12.07
C MET A 129 6.61 -20.12 12.67
N GLY A 130 6.75 -19.70 13.95
CA GLY A 130 7.99 -19.88 14.71
C GLY A 130 9.12 -18.97 14.26
N ILE A 131 8.82 -17.84 13.60
CA ILE A 131 9.92 -16.98 13.05
C ILE A 131 9.89 -15.58 13.69
N TRP A 132 9.21 -15.37 14.81
CA TRP A 132 9.30 -14.05 15.50
C TRP A 132 10.65 -13.98 16.20
N PRO A 133 11.46 -12.91 16.00
CA PRO A 133 12.77 -12.82 16.65
C PRO A 133 12.73 -12.58 18.17
N GLY A 134 11.59 -12.20 18.75
CA GLY A 134 11.48 -11.85 20.18
C GLY A 134 11.18 -10.37 20.32
N ASP A 135 10.85 -9.87 21.51
CA ASP A 135 10.24 -8.52 21.67
C ASP A 135 11.32 -7.42 21.52
N ASP A 136 12.60 -7.79 21.46
CA ASP A 136 13.71 -6.91 21.02
C ASP A 136 13.43 -6.38 19.60
N TYR A 137 12.65 -7.10 18.79
CA TYR A 137 12.47 -6.75 17.37
C TYR A 137 11.71 -5.41 17.27
N PHE A 138 10.76 -5.11 18.15
CA PHE A 138 10.05 -3.81 18.12
C PHE A 138 11.10 -2.67 17.99
N SER A 139 12.17 -2.70 18.79
CA SER A 139 13.19 -1.61 18.87
C SER A 139 14.24 -1.72 17.76
N ARG A 140 14.57 -2.93 17.30
CA ARG A 140 15.72 -3.22 16.40
C ARG A 140 15.24 -3.40 14.94
N ARG A 141 13.94 -3.40 14.68
CA ARG A 141 13.44 -3.81 13.35
C ARG A 141 13.95 -2.93 12.19
N TYR A 142 14.18 -1.62 12.35
CA TYR A 142 14.74 -0.77 11.26
C TYR A 142 16.27 -0.99 11.14
N ASP A 143 16.96 -1.51 12.16
CA ASP A 143 18.35 -1.98 12.02
C ASP A 143 18.36 -3.19 11.08
N TYR A 144 17.45 -4.13 11.31
CA TYR A 144 17.28 -5.33 10.46
C TYR A 144 16.98 -4.86 9.04
N LEU A 145 15.98 -3.99 8.87
CA LEU A 145 15.57 -3.54 7.52
C LEU A 145 16.72 -2.81 6.83
N THR A 146 17.58 -2.06 7.56
CA THR A 146 18.75 -1.36 6.97
C THR A 146 19.74 -2.37 6.38
N GLU A 147 20.01 -3.46 7.08
CA GLU A 147 20.90 -4.51 6.54
C GLU A 147 20.22 -5.15 5.33
N TYR A 148 18.92 -5.40 5.44
CA TYR A 148 18.20 -6.10 4.34
C TYR A 148 18.33 -5.30 3.04
N VAL A 149 18.04 -4.01 3.10
CA VAL A 149 18.04 -3.15 1.90
C VAL A 149 19.46 -2.96 1.37
N GLN A 150 20.49 -3.00 2.23
CA GLN A 150 21.88 -2.88 1.74
C GLN A 150 22.18 -4.10 0.84
N VAL A 151 21.72 -5.28 1.23
CA VAL A 151 21.89 -6.52 0.40
C VAL A 151 21.13 -6.31 -0.92
N LEU A 152 19.88 -5.83 -0.86
CA LEU A 152 19.09 -5.63 -2.10
C LEU A 152 19.78 -4.65 -3.04
N ARG A 153 20.24 -3.51 -2.50
CA ARG A 153 20.89 -2.45 -3.31
C ARG A 153 22.21 -2.95 -3.95
N ASP A 154 22.98 -3.78 -3.24
CA ASP A 154 24.20 -4.41 -3.81
C ASP A 154 23.78 -5.28 -5.00
N LEU A 155 22.78 -6.15 -4.78
CA LEU A 155 22.41 -7.16 -5.80
C LEU A 155 21.80 -6.47 -7.03
N TRP A 156 20.89 -5.53 -6.83
CA TRP A 156 20.28 -4.84 -7.99
C TRP A 156 21.32 -3.93 -8.70
N GLY A 157 22.22 -3.32 -7.97
CA GLY A 157 23.20 -2.34 -8.54
C GLY A 157 24.34 -2.98 -9.29
N THR A 158 24.94 -4.02 -8.72
CA THR A 158 26.15 -4.68 -9.25
C THR A 158 25.90 -6.14 -9.61
N GLY A 159 24.84 -6.80 -9.14
CA GLY A 159 24.69 -8.23 -9.38
C GLY A 159 25.35 -9.09 -8.29
N LYS A 160 25.95 -8.48 -7.26
CA LYS A 160 26.65 -9.25 -6.22
C LYS A 160 26.70 -8.52 -4.88
N SER A 161 26.90 -9.26 -3.82
CA SER A 161 27.02 -8.70 -2.47
C SER A 161 28.05 -9.47 -1.68
N ASP A 162 28.87 -8.73 -0.91
CA ASP A 162 29.76 -9.28 0.14
C ASP A 162 29.35 -8.70 1.50
N PHE A 163 28.16 -8.12 1.60
CA PHE A 163 27.67 -7.48 2.84
C PHE A 163 27.79 -8.43 4.05
N LYS A 164 28.29 -7.93 5.20
CA LYS A 164 28.35 -8.71 6.46
C LYS A 164 27.89 -7.84 7.63
N GLY A 165 26.85 -8.28 8.33
CA GLY A 165 26.24 -7.49 9.40
C GLY A 165 25.87 -8.35 10.57
N ASP A 166 24.99 -7.83 11.41
CA ASP A 166 24.45 -8.53 12.61
C ASP A 166 23.41 -9.58 12.17
N PHE A 167 22.77 -9.37 11.02
CA PHE A 167 21.60 -10.18 10.59
C PHE A 167 21.88 -10.94 9.31
N PHE A 168 22.80 -10.50 8.45
CA PHE A 168 23.07 -11.15 7.12
C PHE A 168 24.57 -11.32 6.93
N THR A 169 24.97 -12.42 6.30
CA THR A 169 26.33 -12.74 5.85
C THR A 169 26.29 -13.16 4.39
N MET A 170 26.77 -12.29 3.50
CA MET A 170 26.81 -12.59 2.06
C MET A 170 28.27 -12.91 1.75
N ASN A 171 28.49 -14.06 1.13
CA ASN A 171 29.83 -14.49 0.65
C ASN A 171 29.77 -14.54 -0.88
N ASP A 172 30.06 -13.44 -1.57
CA ASP A 172 29.98 -13.32 -3.05
C ASP A 172 28.58 -13.81 -3.52
N CYS A 173 27.53 -13.39 -2.83
CA CYS A 173 26.14 -13.63 -3.29
C CYS A 173 25.93 -13.02 -4.68
N ARG A 174 25.38 -13.80 -5.62
CA ARG A 174 25.10 -13.38 -7.02
C ARG A 174 23.59 -13.39 -7.33
N VAL A 175 23.11 -12.34 -7.93
CA VAL A 175 21.75 -12.33 -8.55
C VAL A 175 21.87 -11.60 -9.87
N SER A 176 21.68 -12.33 -10.94
CA SER A 176 21.52 -11.75 -12.28
C SER A 176 20.38 -12.53 -12.95
N PRO A 177 19.58 -11.93 -13.85
CA PRO A 177 19.76 -10.55 -14.32
C PRO A 177 19.41 -9.52 -13.24
N GLN A 178 19.97 -8.32 -13.47
CA GLN A 178 19.66 -7.07 -12.74
C GLN A 178 18.46 -6.44 -13.42
N PRO A 179 17.64 -5.70 -12.69
CA PRO A 179 16.45 -5.11 -13.29
C PRO A 179 16.81 -4.14 -14.43
N SER A 180 15.95 -4.07 -15.43
CA SER A 180 16.12 -3.28 -16.68
C SER A 180 16.10 -1.77 -16.36
N VAL A 181 15.50 -1.37 -15.25
CA VAL A 181 15.33 0.06 -14.82
C VAL A 181 15.72 0.08 -13.36
N PRO A 182 16.09 1.25 -12.79
CA PRO A 182 16.30 1.35 -11.36
C PRO A 182 15.09 0.87 -10.55
N MET A 183 15.34 -0.05 -9.63
CA MET A 183 14.26 -0.72 -8.84
C MET A 183 13.67 0.29 -7.84
N LYS A 184 12.35 0.45 -7.81
CA LYS A 184 11.73 1.41 -6.87
C LYS A 184 11.50 0.66 -5.55
N VAL A 185 11.85 1.32 -4.47
CA VAL A 185 11.64 0.86 -3.08
C VAL A 185 10.71 1.84 -2.41
N ILE A 186 9.66 1.30 -1.81
CA ILE A 186 8.73 2.11 -1.02
C ILE A 186 8.66 1.53 0.36
N CYS A 187 8.35 2.39 1.31
CA CYS A 187 8.35 2.06 2.74
C CYS A 187 7.10 2.72 3.32
N ALA A 188 6.59 2.18 4.39
CA ALA A 188 5.34 2.68 5.00
C ALA A 188 5.66 3.09 6.44
N GLY A 189 6.78 3.78 6.64
CA GLY A 189 7.26 4.14 7.99
C GLY A 189 6.51 5.33 8.54
N GLN A 190 5.88 5.19 9.72
CA GLN A 190 5.14 6.29 10.42
C GLN A 190 5.99 6.82 11.59
N SER A 191 6.78 5.94 12.20
CA SER A 191 7.63 6.30 13.35
C SER A 191 8.85 7.12 12.89
N ASP A 192 9.59 7.69 13.84
CA ASP A 192 10.83 8.44 13.53
C ASP A 192 11.83 7.52 12.83
N ALA A 193 12.03 6.32 13.37
CA ALA A 193 12.98 5.34 12.78
C ALA A 193 12.53 4.98 11.36
N GLY A 194 11.22 4.84 11.17
CA GLY A 194 10.61 4.40 9.92
C GLY A 194 10.82 5.44 8.86
N MET A 195 10.57 6.70 9.21
CA MET A 195 10.78 7.83 8.27
C MET A 195 12.28 8.04 7.98
N ALA A 196 13.15 7.77 8.93
CA ALA A 196 14.62 7.93 8.76
C ALA A 196 15.05 6.86 7.76
N PHE A 197 14.50 5.63 7.88
CA PHE A 197 14.76 4.56 6.88
C PHE A 197 14.29 5.00 5.49
N SER A 198 13.04 5.42 5.35
CA SER A 198 12.46 5.90 4.09
C SER A 198 13.34 7.01 3.52
N ALA A 199 13.70 8.00 4.33
CA ALA A 199 14.52 9.12 3.79
C ALA A 199 15.83 8.63 3.17
N ARG A 200 16.40 7.58 3.70
CA ARG A 200 17.73 7.06 3.25
C ARG A 200 17.57 6.17 2.03
N TYR A 201 16.51 5.33 1.98
CA TYR A 201 16.48 4.20 1.01
C TYR A 201 15.25 4.10 0.12
N ALA A 202 14.15 4.81 0.39
CA ALA A 202 12.89 4.70 -0.36
C ALA A 202 12.77 5.79 -1.41
N ASP A 203 11.97 5.51 -2.43
CA ASP A 203 11.54 6.47 -3.46
C ASP A 203 10.36 7.29 -2.90
N PHE A 204 9.48 6.65 -2.14
CA PHE A 204 8.35 7.32 -1.49
C PHE A 204 7.91 6.55 -0.27
N ASN A 205 7.22 7.27 0.56
CA ASN A 205 6.76 6.78 1.86
C ASN A 205 5.23 6.80 1.87
N PHE A 206 4.63 5.68 2.20
CA PHE A 206 3.16 5.58 2.39
C PHE A 206 2.78 5.98 3.82
N CYS A 207 1.77 6.83 3.96
CA CYS A 207 1.24 7.18 5.29
C CYS A 207 -0.28 7.07 5.25
N PHE A 208 -0.89 7.06 6.41
CA PHE A 208 -2.36 7.00 6.58
C PHE A 208 -2.99 8.37 6.40
N GLY A 209 -4.00 8.46 5.55
CA GLY A 209 -4.96 9.56 5.66
C GLY A 209 -5.69 9.50 6.98
N LYS A 210 -6.25 10.64 7.40
CA LYS A 210 -6.77 10.81 8.78
C LYS A 210 -8.17 11.41 8.74
N GLY A 211 -9.07 10.88 9.58
CA GLY A 211 -10.41 11.45 9.77
C GLY A 211 -11.36 11.13 8.63
N VAL A 212 -12.59 11.60 8.78
CA VAL A 212 -13.66 11.45 7.78
C VAL A 212 -13.89 12.84 7.23
N ASN A 213 -13.66 13.04 5.95
CA ASN A 213 -13.88 14.33 5.25
C ASN A 213 -13.02 15.43 5.89
N THR A 214 -11.82 15.09 6.34
CA THR A 214 -10.78 16.08 6.72
C THR A 214 -9.52 15.74 5.90
N PRO A 215 -9.53 16.05 4.60
CA PRO A 215 -8.51 15.54 3.67
C PRO A 215 -7.11 15.99 4.09
N THR A 216 -6.96 17.19 4.70
CA THR A 216 -5.60 17.73 5.03
C THR A 216 -5.14 17.39 6.43
N ALA A 217 -5.86 16.56 7.19
CA ALA A 217 -5.58 16.24 8.61
C ALA A 217 -4.26 15.48 8.77
N PHE A 218 -3.80 14.75 7.73
CA PHE A 218 -2.49 14.01 7.75
C PHE A 218 -1.30 14.99 7.59
N ALA A 219 -1.54 16.27 7.34
CA ALA A 219 -0.45 17.23 6.93
C ALA A 219 0.76 17.15 7.86
N PRO A 220 0.60 17.07 9.20
CA PRO A 220 1.76 17.02 10.11
C PRO A 220 2.63 15.78 9.90
N THR A 221 2.02 14.65 9.52
CA THR A 221 2.77 13.41 9.19
C THR A 221 3.60 13.66 7.92
N ALA A 222 3.05 14.27 6.89
CA ALA A 222 3.76 14.54 5.64
C ALA A 222 4.85 15.59 5.94
N ALA A 223 4.60 16.50 6.89
CA ALA A 223 5.65 17.48 7.30
C ALA A 223 6.81 16.76 7.97
N ARG A 224 6.56 15.80 8.85
CA ARG A 224 7.63 15.03 9.53
C ARG A 224 8.44 14.30 8.44
N MET A 225 7.76 13.70 7.49
CA MET A 225 8.45 12.97 6.41
C MET A 225 9.33 13.94 5.58
N LYS A 226 8.86 15.17 5.28
CA LYS A 226 9.66 16.15 4.52
C LYS A 226 10.93 16.49 5.33
N GLN A 227 10.82 16.60 6.65
CA GLN A 227 11.97 16.94 7.57
C GLN A 227 12.94 15.77 7.56
N ALA A 228 12.45 14.51 7.61
CA ALA A 228 13.31 13.33 7.49
C ALA A 228 14.10 13.35 6.17
N ALA A 229 13.44 13.64 5.03
CA ALA A 229 14.06 13.67 3.68
C ALA A 229 15.11 14.80 3.64
N GLU A 230 14.87 15.90 4.34
CA GLU A 230 15.92 16.97 4.38
C GLU A 230 17.23 16.41 4.94
N GLN A 231 17.17 15.49 5.90
CA GLN A 231 18.36 14.98 6.62
C GLN A 231 19.21 14.11 5.68
N THR A 232 18.65 13.63 4.56
CA THR A 232 19.41 12.85 3.57
C THR A 232 19.61 13.60 2.26
N GLY A 233 18.96 14.73 2.01
CA GLY A 233 18.99 15.47 0.74
C GLY A 233 18.27 14.76 -0.41
N ARG A 234 17.46 13.74 -0.09
CA ARG A 234 16.72 12.92 -1.10
C ARG A 234 15.26 13.35 -1.24
N ASP A 235 14.71 13.21 -2.43
CA ASP A 235 13.33 13.61 -2.75
C ASP A 235 12.43 12.39 -2.44
N VAL A 236 11.88 12.35 -1.24
CA VAL A 236 11.06 11.18 -0.78
C VAL A 236 9.69 11.74 -0.37
N GLY A 237 8.74 11.72 -1.31
CA GLY A 237 7.36 12.19 -1.12
C GLY A 237 6.48 11.23 -0.33
N SER A 238 5.32 11.74 0.09
CA SER A 238 4.28 10.99 0.82
C SER A 238 3.17 10.56 -0.16
N TYR A 239 2.79 9.28 -0.12
CA TYR A 239 1.56 8.75 -0.75
C TYR A 239 0.60 8.39 0.38
N VAL A 240 -0.63 8.91 0.32
CA VAL A 240 -1.54 8.91 1.49
C VAL A 240 -2.71 7.93 1.19
N LEU A 241 -3.00 7.05 2.12
CA LEU A 241 -4.06 6.01 2.02
C LEU A 241 -5.40 6.61 2.45
N PHE A 242 -6.39 6.52 1.57
CA PHE A 242 -7.79 6.85 1.89
C PHE A 242 -8.73 5.79 1.32
N MET A 243 -9.86 5.64 1.99
CA MET A 243 -11.03 4.96 1.41
C MET A 243 -11.96 6.01 0.82
N VAL A 244 -12.45 5.76 -0.41
CA VAL A 244 -13.42 6.63 -1.10
C VAL A 244 -14.77 5.92 -1.07
N ILE A 245 -15.76 6.61 -0.52
CA ILE A 245 -17.17 6.17 -0.61
C ILE A 245 -17.95 7.27 -1.32
N ALA A 246 -18.13 7.18 -2.64
CA ALA A 246 -18.69 8.25 -3.47
C ALA A 246 -20.07 7.82 -3.99
N ASP A 247 -20.92 8.79 -4.23
CA ASP A 247 -22.20 8.54 -4.91
C ASP A 247 -22.62 9.82 -5.63
N GLU A 248 -23.81 9.82 -6.17
CA GLU A 248 -24.35 10.95 -6.96
C GLU A 248 -24.57 12.20 -6.08
N THR A 249 -24.82 12.02 -4.80
CA THR A 249 -25.06 13.11 -3.83
C THR A 249 -24.30 12.83 -2.57
N ASP A 250 -24.05 13.86 -1.78
CA ASP A 250 -23.49 13.69 -0.41
C ASP A 250 -24.38 12.80 0.43
N ASP A 251 -25.71 13.00 0.34
CA ASP A 251 -26.66 12.26 1.20
C ASP A 251 -26.62 10.74 0.88
N ALA A 252 -26.52 10.40 -0.38
CA ALA A 252 -26.46 8.98 -0.79
C ALA A 252 -25.15 8.35 -0.28
N ALA A 253 -24.01 9.04 -0.40
CA ALA A 253 -22.72 8.47 0.05
C ALA A 253 -22.76 8.27 1.56
N ARG A 254 -23.27 9.26 2.31
CA ARG A 254 -23.40 9.20 3.78
C ARG A 254 -24.29 8.02 4.15
N ALA A 255 -25.35 7.78 3.38
CA ALA A 255 -26.26 6.65 3.71
C ALA A 255 -25.51 5.32 3.59
N LYS A 256 -24.64 5.17 2.58
CA LYS A 256 -23.84 3.93 2.41
C LYS A 256 -22.90 3.78 3.59
N TRP A 257 -22.13 4.84 3.93
CA TRP A 257 -21.17 4.83 5.04
C TRP A 257 -21.87 4.40 6.34
N GLU A 258 -23.02 5.00 6.60
CA GLU A 258 -23.78 4.66 7.84
C GLU A 258 -24.23 3.20 7.81
N HIS A 259 -24.67 2.72 6.65
CA HIS A 259 -25.12 1.32 6.44
C HIS A 259 -23.95 0.41 6.76
N TYR A 260 -22.75 0.73 6.29
CA TYR A 260 -21.57 -0.12 6.61
C TYR A 260 -21.27 -0.09 8.12
N LYS A 261 -21.25 1.09 8.74
CA LYS A 261 -20.94 1.20 10.20
C LYS A 261 -21.94 0.35 11.00
N ALA A 262 -23.22 0.31 10.58
CA ALA A 262 -24.33 -0.41 11.29
C ALA A 262 -24.11 -1.91 11.22
N GLY A 263 -23.42 -2.39 10.19
CA GLY A 263 -23.13 -3.84 10.06
C GLY A 263 -21.81 -4.24 10.74
N ALA A 264 -21.14 -3.36 11.49
CA ALA A 264 -19.77 -3.63 12.02
C ALA A 264 -19.69 -5.05 12.56
N ASP A 265 -18.69 -5.84 12.16
CA ASP A 265 -18.47 -7.25 12.59
C ASP A 265 -17.71 -7.18 13.92
N GLU A 266 -18.42 -7.11 15.06
CA GLU A 266 -17.79 -6.65 16.34
C GLU A 266 -16.70 -7.62 16.81
N GLU A 267 -16.96 -8.89 16.62
CA GLU A 267 -16.08 -10.03 16.97
C GLU A 267 -14.73 -9.88 16.24
N ALA A 268 -14.75 -9.59 14.95
CA ALA A 268 -13.51 -9.33 14.17
C ALA A 268 -12.79 -8.08 14.71
N LEU A 269 -13.55 -7.03 15.02
CA LEU A 269 -13.01 -5.77 15.59
C LEU A 269 -12.31 -5.98 16.94
N SER A 270 -12.76 -6.91 17.79
CA SER A 270 -12.12 -7.10 19.13
C SER A 270 -10.74 -7.75 18.95
N TRP A 271 -10.62 -8.74 18.04
CA TRP A 271 -9.31 -9.34 17.66
C TRP A 271 -8.37 -8.22 17.20
N LEU A 272 -8.83 -7.39 16.26
CA LEU A 272 -8.05 -6.23 15.74
C LEU A 272 -7.41 -5.45 16.91
N THR A 273 -8.20 -5.04 17.92
CA THR A 273 -7.84 -3.99 18.91
C THR A 273 -6.33 -3.98 19.16
N ASP A 293 -17.96 13.78 13.81
CA ASP A 293 -18.02 12.81 12.66
C ASP A 293 -16.78 11.92 12.66
N PRO A 294 -16.69 10.92 13.57
CA PRO A 294 -15.43 10.27 13.83
C PRO A 294 -15.16 9.18 12.79
N THR A 295 -13.88 8.81 12.66
CA THR A 295 -13.43 7.59 11.94
C THR A 295 -14.00 6.35 12.62
N SER A 296 -14.09 5.23 11.91
CA SER A 296 -14.78 4.03 12.44
C SER A 296 -13.82 2.86 12.35
N ALA A 297 -13.85 1.96 13.33
CA ALA A 297 -13.09 0.69 13.27
C ALA A 297 -13.54 -0.13 12.04
N VAL A 298 -14.72 0.15 11.47
CA VAL A 298 -15.27 -0.67 10.34
C VAL A 298 -14.26 -0.64 9.19
N ASN A 299 -13.45 0.41 9.06
CA ASN A 299 -12.37 0.36 8.03
C ASN A 299 -11.01 0.62 8.68
N ILE A 300 -10.83 0.11 9.89
CA ILE A 300 -9.56 0.21 10.70
C ILE A 300 -9.20 1.68 10.87
N ASN A 301 -10.23 2.51 11.14
CA ASN A 301 -10.11 3.98 11.35
C ASN A 301 -9.34 4.64 10.21
N MET A 302 -9.54 4.17 8.99
CA MET A 302 -8.83 4.71 7.80
C MET A 302 -9.32 6.13 7.53
N GLY A 303 -8.43 7.02 7.06
CA GLY A 303 -8.84 8.24 6.34
C GLY A 303 -9.94 7.93 5.32
N THR A 304 -11.11 8.55 5.47
CA THR A 304 -12.32 8.27 4.66
C THR A 304 -12.83 9.55 4.03
N LEU A 305 -13.08 9.51 2.73
CA LEU A 305 -13.70 10.59 1.90
C LEU A 305 -15.09 10.12 1.42
N VAL A 306 -16.13 10.76 1.95
CA VAL A 306 -17.55 10.31 1.82
C VAL A 306 -18.34 11.46 1.20
N GLY A 307 -18.77 11.35 -0.04
CA GLY A 307 -19.49 12.46 -0.69
C GLY A 307 -19.94 12.18 -2.08
N SER A 308 -20.56 13.20 -2.65
CA SER A 308 -20.83 13.24 -4.09
C SER A 308 -19.50 13.11 -4.86
N TYR A 309 -19.58 12.66 -6.09
CA TYR A 309 -18.40 12.59 -7.01
C TYR A 309 -17.68 13.94 -6.99
N ALA A 310 -18.44 15.03 -7.04
CA ALA A 310 -17.81 16.36 -7.12
C ALA A 310 -17.15 16.70 -5.78
N SER A 311 -17.80 16.40 -4.65
CA SER A 311 -17.26 16.64 -3.30
C SER A 311 -15.98 15.82 -3.05
N VAL A 312 -15.95 14.58 -3.52
CA VAL A 312 -14.71 13.76 -3.38
C VAL A 312 -13.60 14.34 -4.27
N ALA A 313 -13.89 14.79 -5.49
CA ALA A 313 -12.89 15.38 -6.40
C ALA A 313 -12.30 16.62 -5.70
N ARG A 314 -13.15 17.44 -5.08
CA ARG A 314 -12.68 18.68 -4.38
C ARG A 314 -11.74 18.28 -3.22
N MET A 315 -12.09 17.24 -2.45
CA MET A 315 -11.37 16.84 -1.24
C MET A 315 -10.01 16.25 -1.69
N LEU A 316 -9.97 15.51 -2.79
CA LEU A 316 -8.69 14.92 -3.28
C LEU A 316 -7.80 16.06 -3.82
N ASP A 317 -8.36 17.10 -4.46
CA ASP A 317 -7.60 18.33 -4.84
C ASP A 317 -6.99 19.00 -3.61
N GLU A 318 -7.64 18.95 -2.45
CA GLU A 318 -7.09 19.51 -1.19
C GLU A 318 -5.91 18.65 -0.72
N VAL A 319 -5.99 17.34 -0.83
CA VAL A 319 -4.85 16.45 -0.49
C VAL A 319 -3.63 16.89 -1.33
N ALA A 320 -3.84 17.16 -2.60
CA ALA A 320 -2.78 17.46 -3.58
C ALA A 320 -2.07 18.77 -3.23
N SER A 321 -2.68 19.62 -2.42
CA SER A 321 -2.10 20.90 -1.98
C SER A 321 -1.23 20.75 -0.73
N VAL A 322 -1.21 19.60 -0.03
CA VAL A 322 -0.51 19.43 1.29
C VAL A 322 0.98 19.31 1.01
N PRO A 323 1.85 20.12 1.65
CA PRO A 323 3.30 19.97 1.49
C PRO A 323 3.76 18.52 1.63
N GLY A 324 4.41 18.02 0.58
CA GLY A 324 5.04 16.68 0.66
C GLY A 324 4.17 15.61 0.02
N ALA A 325 2.86 15.85 -0.15
CA ALA A 325 1.94 14.83 -0.71
C ALA A 325 2.16 14.72 -2.21
N GLU A 326 2.59 13.55 -2.70
CA GLU A 326 2.85 13.33 -4.15
C GLU A 326 1.78 12.44 -4.77
N GLY A 327 1.02 11.74 -3.94
CA GLY A 327 0.00 10.83 -4.46
C GLY A 327 -0.92 10.33 -3.38
N VAL A 328 -1.96 9.60 -3.82
CA VAL A 328 -2.89 8.90 -2.91
C VAL A 328 -2.97 7.43 -3.35
N LEU A 329 -3.10 6.61 -2.34
CA LEU A 329 -3.39 5.17 -2.49
C LEU A 329 -4.87 4.98 -2.09
N LEU A 330 -5.69 4.44 -2.99
CA LEU A 330 -7.14 4.41 -2.78
C LEU A 330 -7.63 2.98 -2.55
N THR A 331 -8.50 2.87 -1.55
CA THR A 331 -9.45 1.73 -1.43
C THR A 331 -10.86 2.29 -1.70
N PHE A 332 -11.77 1.40 -2.00
CA PHE A 332 -13.20 1.72 -2.28
C PHE A 332 -14.05 0.80 -1.42
N ASP A 333 -15.33 1.15 -1.24
CA ASP A 333 -16.31 0.20 -0.67
C ASP A 333 -16.60 -0.95 -1.65
N ASP A 334 -16.63 -0.68 -2.94
CA ASP A 334 -16.81 -1.66 -4.03
C ASP A 334 -15.77 -1.31 -5.08
N PHE A 335 -14.77 -2.16 -5.29
CA PHE A 335 -13.63 -1.77 -6.16
C PHE A 335 -14.11 -1.70 -7.61
N LEU A 336 -14.90 -2.67 -8.09
CA LEU A 336 -15.24 -2.64 -9.53
C LEU A 336 -16.11 -1.40 -9.85
N SER A 337 -17.09 -1.08 -9.02
CA SER A 337 -17.95 0.09 -9.37
C SER A 337 -17.26 1.38 -8.93
N GLY A 338 -16.41 1.29 -7.92
CA GLY A 338 -15.70 2.45 -7.33
C GLY A 338 -14.62 2.97 -8.27
N ILE A 339 -13.92 2.06 -8.94
CA ILE A 339 -12.93 2.45 -9.98
C ILE A 339 -13.67 3.06 -11.16
N GLU A 340 -14.80 2.51 -11.58
CA GLU A 340 -15.52 3.00 -12.76
C GLU A 340 -16.01 4.43 -12.46
N THR A 341 -16.64 4.65 -11.30
CA THR A 341 -17.22 6.00 -10.99
C THR A 341 -16.06 6.98 -10.73
N PHE A 342 -14.96 6.49 -10.17
CA PHE A 342 -13.75 7.34 -10.00
C PHE A 342 -13.33 7.82 -11.40
N GLY A 343 -13.15 6.91 -12.35
CA GLY A 343 -12.66 7.27 -13.69
C GLY A 343 -13.65 8.11 -14.46
N GLU A 344 -14.96 7.82 -14.35
CA GLU A 344 -15.99 8.49 -15.18
C GLU A 344 -16.49 9.80 -14.55
N ARG A 345 -16.50 9.94 -13.23
CA ARG A 345 -17.19 11.06 -12.56
C ARG A 345 -16.26 11.89 -11.66
N ILE A 346 -15.24 11.31 -11.03
CA ILE A 346 -14.43 12.02 -10.01
C ILE A 346 -13.19 12.59 -10.70
N GLN A 347 -12.42 11.72 -11.34
CA GLN A 347 -11.11 12.11 -11.93
C GLN A 347 -11.31 13.27 -12.92
N PRO A 348 -12.33 13.28 -13.81
CA PRO A 348 -12.48 14.42 -14.74
C PRO A 348 -12.73 15.77 -14.05
N LEU A 349 -13.04 15.83 -12.76
CA LEU A 349 -13.28 17.10 -12.04
C LEU A 349 -12.05 17.50 -11.22
N MET A 350 -11.00 16.66 -11.19
CA MET A 350 -9.80 16.91 -10.35
C MET A 350 -8.80 17.79 -11.12
N GLN A 351 -8.55 18.97 -10.57
CA GLN A 351 -7.49 19.89 -11.05
C GLN A 351 -6.13 19.16 -11.08
N CYS A 352 -5.85 18.34 -10.09
CA CYS A 352 -4.55 17.61 -9.99
C CYS A 352 -4.47 16.43 -10.97
N ARG A 353 -5.46 16.18 -11.80
CA ARG A 353 -5.40 15.13 -12.86
C ARG A 353 -5.64 15.76 -14.24
N ALA A 354 -5.50 17.07 -14.39
CA ALA A 354 -5.77 17.75 -15.68
C ALA A 354 -4.69 17.36 -16.69
N HIS A 355 -3.60 16.73 -16.23
CA HIS A 355 -2.45 16.31 -17.07
C HIS A 355 -2.79 15.04 -17.86
N LEU A 356 -3.85 14.28 -17.52
CA LEU A 356 -4.20 13.06 -18.31
C LEU A 356 -4.73 13.48 -19.68
N PRO A 357 -4.43 12.73 -20.78
CA PRO A 357 -5.12 12.87 -22.05
C PRO A 357 -6.61 13.27 -21.97
#